data_7SDP
#
_entry.id   7SDP
#
_cell.length_a   109.142
_cell.length_b   83.089
_cell.length_c   74.593
_cell.angle_alpha   90.000
_cell.angle_beta   122.691
_cell.angle_gamma   90.000
#
_symmetry.space_group_name_H-M   'C 1 2 1'
#
loop_
_entity.id
_entity.type
_entity.pdbx_description
1 polymer "DNA (5'-D(*CP*CP*TP*GP*TP*GP*AP*CP*AP*AP*AP*TP*TP*GP*CP*CP*CP*TP*CP*AP*GP*A)-3')"
2 polymer "DNA (5'-D(*CP*TP*GP*AP*GP*GP*GP*CP*AP*AP*TP*TP*TP*GP*TP*CP*AP*CP*AP*GP*GP*A)-3')"
3 polymer 'RepB family plasmid replication initiator protein'
4 polymer 'Unknown polymer fragment'
5 polymer 'Unknown polymer fragment'
6 non-polymer 'MAGNESIUM ION'
7 water water
#
loop_
_entity_poly.entity_id
_entity_poly.type
_entity_poly.pdbx_seq_one_letter_code
_entity_poly.pdbx_strand_id
1 'polydeoxyribonucleotide'
;(DC)(DC)(DT)(DG)(DT)(DG)(DA)(DC)(DA)(DA)(DA)(DT)(DT)(DG)(DC)(DC)(DC)(DT)(DC)(DA)
(DG)(DA)
;
A
2 'polydeoxyribonucleotide'
;(DC)(DT)(DG)(DA)(DG)(DG)(DG)(DC)(DA)(DA)(DT)(DT)(DT)(DG)(DT)(DC)(DA)(DC)(DA)(DG)
(DG)(DA)
;
B
3 'polypeptide(L)'
;MRGSHHHHHHGSMAETAVINHKKRKNSPRIVQSNDLTEAAYSLSRDQKRMLYLFVDQIRKSDGTLQEHDGICEIHVAKYA
EIFGLTSAEASKDIRQALKSFAGKEVVFYRPEEDAGDEKGYESFPWFIKPAHSPSRGLYSVHINPYLIPFFIGLQNRFTQ
FRLSETKEITNPYAMRLYESLCQYRKPDGSGIVSLKIDWIIERYQLPQSYQRMPDFRRRFLQVCVNEINSRTPMRLSYIE
KKKGRQTTHIVFSFRDITSMTTG
;
C
4 'polypeptide(L)' (UNK)(UNK)(UNK) F
5 'polypeptide(L)' (UNK)(UNK)(UNK)(UNK) D
#
loop_
_chem_comp.id
_chem_comp.type
_chem_comp.name
_chem_comp.formula
DA DNA linking 2'-DEOXYADENOSINE-5'-MONOPHOSPHATE 'C10 H14 N5 O6 P'
DC DNA linking 2'-DEOXYCYTIDINE-5'-MONOPHOSPHATE 'C9 H14 N3 O7 P'
DG DNA linking 2'-DEOXYGUANOSINE-5'-MONOPHOSPHATE 'C10 H14 N5 O7 P'
DT DNA linking THYMIDINE-5'-MONOPHOSPHATE 'C10 H15 N2 O8 P'
MG non-polymer 'MAGNESIUM ION' 'Mg 2'
#
# COMPACT_ATOMS: atom_id res chain seq x y z
N LYS C 23 7.56 23.14 0.45
CA LYS C 23 6.43 22.30 0.84
C LYS C 23 6.84 20.84 0.86
N ARG C 24 5.86 19.96 0.65
CA ARG C 24 6.06 18.56 0.32
C ARG C 24 4.95 18.07 -0.59
N LYS C 25 4.35 19.01 -1.33
CA LYS C 25 3.14 18.81 -2.12
C LYS C 25 3.43 18.44 -3.57
N ASN C 26 4.69 18.39 -3.99
CA ASN C 26 4.99 18.12 -5.39
C ASN C 26 4.89 16.63 -5.74
N SER C 27 5.24 15.73 -4.82
CA SER C 27 5.09 14.30 -5.04
C SER C 27 3.63 13.98 -5.43
N PRO C 28 3.40 13.06 -6.38
CA PRO C 28 2.01 12.67 -6.75
C PRO C 28 1.10 12.32 -5.57
N ARG C 29 -0.18 12.73 -5.67
CA ARG C 29 -1.19 12.40 -4.67
C ARG C 29 -1.85 11.06 -5.00
N ILE C 30 -1.58 10.06 -4.16
CA ILE C 30 -2.20 8.76 -4.30
C ILE C 30 -3.55 8.76 -3.62
N VAL C 31 -4.58 8.38 -4.36
CA VAL C 31 -5.93 8.35 -3.84
C VAL C 31 -6.50 6.98 -4.19
N GLN C 32 -6.70 6.15 -3.16
CA GLN C 32 -7.29 4.82 -3.30
C GLN C 32 -8.52 4.69 -2.42
N SER C 33 -9.49 3.93 -2.92
CA SER C 33 -10.70 3.62 -2.17
C SER C 33 -10.38 2.74 -0.98
N ASN C 34 -11.09 2.98 0.12
CA ASN C 34 -10.89 2.24 1.36
C ASN C 34 -11.11 0.74 1.17
N ASP C 35 -11.79 0.32 0.10
CA ASP C 35 -11.97 -1.10 -0.14
C ASP C 35 -10.65 -1.77 -0.48
N LEU C 36 -9.81 -1.04 -1.24
CA LEU C 36 -8.47 -1.52 -1.60
C LEU C 36 -7.56 -1.54 -0.40
N THR C 37 -7.61 -0.46 0.39
CA THR C 37 -6.91 -0.42 1.67
C THR C 37 -7.20 -1.66 2.51
N GLU C 38 -8.44 -2.13 2.50
CA GLU C 38 -8.82 -3.21 3.40
C GLU C 38 -8.77 -4.57 2.73
N ALA C 39 -8.37 -4.67 1.47
CA ALA C 39 -8.43 -5.97 0.83
C ALA C 39 -7.35 -6.91 1.38
N ALA C 40 -7.60 -8.20 1.19
CA ALA C 40 -6.63 -9.22 1.54
C ALA C 40 -5.96 -9.67 0.27
N TYR C 41 -4.65 -9.42 0.16
CA TYR C 41 -3.84 -9.86 -0.97
C TYR C 41 -2.41 -9.99 -0.48
N SER C 42 -1.49 -10.35 -1.39
CA SER C 42 -0.06 -10.48 -1.05
C SER C 42 0.82 -10.00 -2.20
N LEU C 43 1.48 -8.86 -2.03
CA LEU C 43 2.37 -8.31 -3.04
C LEU C 43 3.67 -7.91 -2.37
N SER C 44 4.75 -7.99 -3.14
CA SER C 44 6.05 -7.51 -2.69
C SER C 44 6.04 -5.98 -2.57
N ARG C 45 7.08 -5.44 -1.92
CA ARG C 45 7.28 -4.00 -2.00
C ARG C 45 7.18 -3.55 -3.43
N ASP C 46 7.93 -4.22 -4.31
CA ASP C 46 8.10 -3.79 -5.69
C ASP C 46 6.78 -3.80 -6.45
N GLN C 47 5.99 -4.85 -6.28
CA GLN C 47 4.64 -4.85 -6.83
C GLN C 47 3.81 -3.69 -6.30
N LYS C 48 3.79 -3.47 -4.97
CA LYS C 48 3.01 -2.34 -4.47
C LYS C 48 3.51 -1.02 -5.05
N ARG C 49 4.83 -0.83 -5.13
CA ARG C 49 5.37 0.35 -5.79
C ARG C 49 4.72 0.57 -7.15
N MET C 50 4.60 -0.50 -7.95
CA MET C 50 3.96 -0.36 -9.27
C MET C 50 2.46 -0.11 -9.11
N LEU C 51 1.83 -0.78 -8.14
CA LEU C 51 0.40 -0.66 -7.99
C LEU C 51 -0.01 0.76 -7.64
N TYR C 52 0.85 1.52 -6.96
CA TYR C 52 0.56 2.94 -6.81
C TYR C 52 0.48 3.64 -8.16
N LEU C 53 1.45 3.34 -9.04
CA LEU C 53 1.55 4.02 -10.34
C LEU C 53 0.35 3.75 -11.22
N PHE C 54 -0.03 2.48 -11.35
CA PHE C 54 -1.18 2.10 -12.15
C PHE C 54 -2.44 2.89 -11.76
N VAL C 55 -2.77 2.90 -10.47
CA VAL C 55 -3.98 3.56 -9.99
C VAL C 55 -3.95 5.05 -10.30
N ASP C 56 -2.74 5.60 -10.48
CA ASP C 56 -2.62 7.00 -10.88
C ASP C 56 -3.11 7.22 -12.30
N GLN C 57 -2.60 6.41 -13.24
CA GLN C 57 -3.02 6.49 -14.63
C GLN C 57 -4.54 6.40 -14.74
N ILE C 58 -5.13 5.43 -14.04
CA ILE C 58 -6.55 5.09 -14.20
C ILE C 58 -7.44 6.29 -13.94
N ARG C 59 -6.99 7.24 -13.14
CA ARG C 59 -7.81 8.39 -12.82
C ARG C 59 -7.89 9.41 -13.95
N LYS C 60 -7.71 8.98 -15.20
CA LYS C 60 -7.81 9.88 -16.36
C LYS C 60 -8.80 9.26 -17.35
N SER C 61 -10.09 9.58 -17.16
CA SER C 61 -11.18 8.93 -17.87
C SER C 61 -12.28 9.93 -18.16
N ASP C 62 -12.59 10.14 -19.44
CA ASP C 62 -13.80 10.89 -19.81
C ASP C 62 -14.88 9.93 -20.26
N GLU C 67 -14.78 5.81 -18.11
CA GLU C 67 -14.63 4.98 -19.29
C GLU C 67 -13.16 4.68 -19.56
N HIS C 68 -12.53 3.94 -18.65
CA HIS C 68 -11.15 3.49 -18.82
C HIS C 68 -11.12 1.97 -19.03
N ASP C 69 -10.08 1.49 -19.69
CA ASP C 69 -10.01 0.10 -20.16
C ASP C 69 -9.10 -0.84 -19.38
N GLY C 70 -8.21 -0.32 -18.54
CA GLY C 70 -7.29 -1.17 -17.79
C GLY C 70 -5.92 -1.39 -18.40
N ILE C 71 -5.48 -0.52 -19.29
CA ILE C 71 -4.17 -0.67 -19.91
C ILE C 71 -3.26 0.40 -19.36
N CYS C 72 -2.14 -0.02 -18.81
CA CYS C 72 -1.22 0.92 -18.21
C CYS C 72 0.16 0.71 -18.82
N GLU C 73 0.98 1.73 -18.70
CA GLU C 73 2.33 1.71 -19.26
CA GLU C 73 2.32 1.71 -19.27
C GLU C 73 3.32 2.07 -18.18
N ILE C 74 4.52 1.51 -18.27
CA ILE C 74 5.56 1.70 -17.26
C ILE C 74 6.86 2.04 -17.96
N HIS C 75 7.49 3.16 -17.59
CA HIS C 75 8.72 3.64 -18.24
C HIS C 75 9.92 3.53 -17.30
N VAL C 76 10.75 2.49 -17.50
CA VAL C 76 12.00 2.25 -16.75
C VAL C 76 12.67 3.57 -16.36
N ALA C 77 12.86 4.45 -17.33
CA ALA C 77 13.72 5.59 -17.05
C ALA C 77 13.11 6.50 -15.98
N LYS C 78 11.77 6.70 -16.03
CA LYS C 78 11.10 7.54 -15.04
C LYS C 78 11.02 6.86 -13.68
N TYR C 79 10.75 5.54 -13.68
CA TYR C 79 10.73 4.75 -12.44
C TYR C 79 12.04 4.85 -11.67
N ALA C 80 13.16 4.80 -12.37
CA ALA C 80 14.45 4.99 -11.72
C ALA C 80 14.50 6.33 -11.00
N GLU C 81 14.15 7.42 -11.68
CA GLU C 81 14.25 8.74 -11.06
CA GLU C 81 14.22 8.75 -11.07
C GLU C 81 13.33 8.87 -9.83
N ILE C 82 12.18 8.17 -9.82
CA ILE C 82 11.23 8.27 -8.71
C ILE C 82 11.74 7.52 -7.49
N PHE C 83 12.40 6.39 -7.71
CA PHE C 83 12.80 5.51 -6.61
C PHE C 83 14.31 5.46 -6.39
N GLY C 84 15.07 6.38 -6.96
CA GLY C 84 16.49 6.51 -6.65
C GLY C 84 17.30 5.27 -6.95
N LEU C 85 17.14 4.71 -8.15
CA LEU C 85 17.80 3.47 -8.51
C LEU C 85 18.49 3.58 -9.86
N THR C 86 19.45 2.69 -10.10
CA THR C 86 20.14 2.73 -11.40
C THR C 86 19.23 2.17 -12.49
N SER C 87 19.55 2.56 -13.72
CA SER C 87 18.82 2.09 -14.89
C SER C 87 18.76 0.57 -14.91
N ALA C 88 19.89 -0.09 -14.62
CA ALA C 88 19.95 -1.53 -14.73
C ALA C 88 19.09 -2.20 -13.66
N GLU C 89 19.22 -1.74 -12.41
CA GLU C 89 18.52 -2.38 -11.30
C GLU C 89 17.03 -2.06 -11.33
N ALA C 90 16.65 -0.91 -11.91
CA ALA C 90 15.22 -0.65 -12.06
C ALA C 90 14.58 -1.65 -13.02
N SER C 91 15.32 -2.03 -14.08
CA SER C 91 14.89 -3.07 -15.03
C SER C 91 14.70 -4.43 -14.35
N LYS C 92 15.63 -4.83 -13.46
CA LYS C 92 15.48 -6.09 -12.71
C LYS C 92 14.21 -6.08 -11.90
N ASP C 93 13.97 -4.98 -11.18
CA ASP C 93 12.84 -4.93 -10.28
C ASP C 93 11.53 -5.09 -11.04
N ILE C 94 11.40 -4.38 -12.15
CA ILE C 94 10.15 -4.38 -12.91
C ILE C 94 9.92 -5.75 -13.55
N ARG C 95 10.93 -6.27 -14.25
CA ARG C 95 10.77 -7.54 -14.93
C ARG C 95 10.29 -8.60 -13.97
N GLN C 96 10.93 -8.66 -12.79
CA GLN C 96 10.70 -9.77 -11.88
C GLN C 96 9.33 -9.72 -11.23
N ALA C 97 8.79 -8.53 -10.95
CA ALA C 97 7.47 -8.49 -10.32
C ALA C 97 6.33 -8.77 -11.32
N LEU C 98 6.38 -8.15 -12.49
CA LEU C 98 5.42 -8.45 -13.54
C LEU C 98 5.22 -9.96 -13.69
N LYS C 99 6.31 -10.73 -13.63
CA LYS C 99 6.21 -12.20 -13.62
C LYS C 99 5.46 -12.69 -12.38
N SER C 100 5.71 -12.09 -11.23
CA SER C 100 5.18 -12.63 -9.99
C SER C 100 3.71 -12.31 -9.78
N PHE C 101 3.11 -11.48 -10.63
CA PHE C 101 1.69 -11.18 -10.47
C PHE C 101 0.80 -12.38 -10.74
N ALA C 102 1.18 -13.28 -11.65
CA ALA C 102 0.22 -14.27 -12.09
C ALA C 102 -0.04 -15.31 -11.00
N GLY C 103 -1.30 -15.75 -10.91
CA GLY C 103 -1.76 -16.52 -9.77
C GLY C 103 -2.12 -15.70 -8.55
N LYS C 104 -1.77 -14.41 -8.52
CA LYS C 104 -2.01 -13.56 -7.35
C LYS C 104 -3.41 -12.95 -7.44
N GLU C 105 -4.25 -13.26 -6.45
CA GLU C 105 -5.60 -12.75 -6.31
C GLU C 105 -5.65 -11.62 -5.30
N VAL C 106 -6.64 -10.77 -5.47
CA VAL C 106 -7.07 -9.81 -4.46
C VAL C 106 -8.50 -10.14 -4.11
N VAL C 107 -8.80 -10.05 -2.83
CA VAL C 107 -10.10 -10.41 -2.28
C VAL C 107 -10.66 -9.18 -1.56
N PHE C 108 -11.88 -8.81 -1.93
CA PHE C 108 -12.59 -7.69 -1.34
C PHE C 108 -13.68 -8.21 -0.41
N TYR C 109 -13.93 -7.46 0.65
CA TYR C 109 -14.93 -7.77 1.67
C TYR C 109 -15.94 -6.60 1.78
N ARG C 110 -17.01 -6.82 2.57
CA ARG C 110 -18.18 -5.92 2.87
C ARG C 110 -19.43 -6.28 2.08
N LYS C 119 -21.21 -9.50 6.14
CA LYS C 119 -19.97 -9.08 5.48
C LYS C 119 -20.06 -9.24 3.94
N GLY C 120 -18.95 -9.66 3.30
CA GLY C 120 -18.91 -9.91 1.85
C GLY C 120 -17.66 -10.66 1.45
N TYR C 121 -17.66 -11.22 0.22
CA TYR C 121 -16.56 -12.09 -0.25
C TYR C 121 -16.45 -12.14 -1.78
N GLU C 122 -15.42 -11.48 -2.35
CA GLU C 122 -15.21 -11.43 -3.81
C GLU C 122 -13.73 -11.43 -4.16
N SER C 123 -13.34 -12.29 -5.11
CA SER C 123 -11.94 -12.49 -5.49
C SER C 123 -11.71 -12.29 -6.98
N PHE C 124 -10.70 -11.47 -7.32
CA PHE C 124 -10.34 -11.13 -8.70
C PHE C 124 -8.86 -11.30 -8.97
N PRO C 125 -8.48 -11.59 -10.22
CA PRO C 125 -7.06 -11.58 -10.62
C PRO C 125 -6.54 -10.19 -11.02
N TRP C 126 -5.31 -9.88 -10.61
CA TRP C 126 -4.78 -8.54 -10.86
C TRP C 126 -4.66 -8.27 -12.36
N PHE C 127 -3.83 -9.06 -13.04
CA PHE C 127 -3.64 -9.04 -14.49
C PHE C 127 -4.51 -10.09 -15.17
N ILE C 128 -4.84 -9.86 -16.44
CA ILE C 128 -5.58 -10.81 -17.27
C ILE C 128 -4.81 -11.24 -18.53
N LYS C 129 -3.53 -10.89 -18.62
CA LYS C 129 -2.67 -11.03 -19.78
C LYS C 129 -1.27 -10.75 -19.27
N PRO C 130 -0.23 -11.33 -19.86
CA PRO C 130 1.13 -11.03 -19.39
C PRO C 130 1.61 -9.67 -19.88
N ALA C 131 2.42 -9.01 -19.05
CA ALA C 131 2.99 -7.74 -19.52
C ALA C 131 3.96 -8.00 -20.68
N HIS C 132 4.36 -6.94 -21.38
CA HIS C 132 5.36 -7.10 -22.41
C HIS C 132 5.93 -5.73 -22.79
N SER C 133 6.99 -5.77 -23.59
CA SER C 133 7.75 -4.56 -23.93
C SER C 133 7.79 -4.30 -25.43
N PRO C 134 6.95 -3.40 -25.97
CA PRO C 134 6.99 -3.12 -27.42
C PRO C 134 8.20 -2.32 -27.88
N SER C 135 9.00 -1.78 -26.96
CA SER C 135 10.22 -1.03 -27.27
C SER C 135 11.03 -0.91 -25.98
N ARG C 136 12.36 -0.73 -26.12
CA ARG C 136 13.21 -0.66 -24.93
C ARG C 136 12.80 0.44 -23.96
N GLY C 137 12.59 0.04 -22.71
CA GLY C 137 12.21 0.91 -21.63
C GLY C 137 10.74 0.92 -21.30
N LEU C 138 9.89 0.33 -22.15
CA LEU C 138 8.44 0.48 -22.05
C LEU C 138 7.80 -0.88 -21.81
N TYR C 139 6.97 -0.97 -20.75
CA TYR C 139 6.12 -2.13 -20.50
C TYR C 139 4.65 -1.73 -20.53
N SER C 140 3.85 -2.59 -21.18
CA SER C 140 2.40 -2.47 -21.19
C SER C 140 1.81 -3.57 -20.32
N VAL C 141 1.09 -3.17 -19.28
CA VAL C 141 0.38 -4.10 -18.42
C VAL C 141 -1.10 -3.95 -18.69
N HIS C 142 -1.87 -4.95 -18.27
CA HIS C 142 -3.31 -4.97 -18.54
C HIS C 142 -4.03 -5.37 -17.25
N ILE C 143 -4.41 -4.35 -16.49
CA ILE C 143 -5.19 -4.56 -15.28
C ILE C 143 -6.55 -5.14 -15.63
N ASN C 144 -7.02 -6.05 -14.79
CA ASN C 144 -8.39 -6.53 -14.87
C ASN C 144 -9.32 -5.33 -14.84
N PRO C 145 -10.01 -5.02 -15.95
CA PRO C 145 -10.94 -3.89 -15.96
C PRO C 145 -11.90 -3.87 -14.80
N TYR C 146 -12.29 -5.04 -14.29
CA TYR C 146 -13.26 -5.07 -13.21
C TYR C 146 -12.77 -4.40 -11.94
N LEU C 147 -11.45 -4.33 -11.75
CA LEU C 147 -10.93 -3.63 -10.57
C LEU C 147 -11.09 -2.11 -10.66
N ILE C 148 -11.48 -1.57 -11.82
CA ILE C 148 -11.51 -0.10 -11.97
C ILE C 148 -12.42 0.56 -10.95
N PRO C 149 -13.63 0.07 -10.67
CA PRO C 149 -14.45 0.77 -9.68
C PRO C 149 -13.90 0.66 -8.27
N PHE C 150 -13.38 -0.53 -7.89
CA PHE C 150 -12.78 -0.70 -6.56
C PHE C 150 -11.60 0.26 -6.35
N PHE C 151 -10.96 0.73 -7.43
CA PHE C 151 -9.85 1.66 -7.27
C PHE C 151 -10.33 3.09 -7.08
N ILE C 152 -11.37 3.48 -7.80
CA ILE C 152 -11.78 4.88 -7.81
C ILE C 152 -12.74 5.21 -6.67
N GLY C 153 -13.65 4.31 -6.30
CA GLY C 153 -14.31 4.41 -5.01
C GLY C 153 -15.40 5.47 -4.93
N LEU C 154 -15.85 5.75 -3.71
CA LEU C 154 -16.99 6.63 -3.48
C LEU C 154 -16.59 7.87 -2.70
N GLN C 155 -17.47 8.87 -2.73
CA GLN C 155 -17.16 10.18 -2.18
C GLN C 155 -17.04 10.11 -0.65
N ASN C 156 -16.13 10.93 -0.12
CA ASN C 156 -15.83 11.03 1.33
C ASN C 156 -15.61 9.65 1.95
N ARG C 157 -15.05 8.72 1.18
CA ARG C 157 -14.90 7.32 1.58
C ARG C 157 -13.63 6.73 0.94
N PHE C 158 -12.49 7.34 1.24
CA PHE C 158 -11.24 7.04 0.55
C PHE C 158 -10.05 7.38 1.43
N THR C 159 -8.92 6.73 1.12
CA THR C 159 -7.60 6.97 1.72
C THR C 159 -6.77 7.84 0.78
N GLN C 160 -5.84 8.62 1.33
CA GLN C 160 -4.97 9.42 0.49
C GLN C 160 -3.63 9.69 1.19
N PHE C 161 -2.57 9.79 0.40
CA PHE C 161 -1.21 10.07 0.83
C PHE C 161 -0.35 10.44 -0.38
N ARG C 162 0.61 11.35 -0.16
CA ARG C 162 1.65 11.64 -1.14
C ARG C 162 2.50 10.40 -1.38
N LEU C 163 3.05 10.29 -2.59
CA LEU C 163 3.93 9.16 -2.91
C LEU C 163 5.25 9.24 -2.15
N SER C 164 5.79 10.46 -2.01
CA SER C 164 7.01 10.65 -1.25
C SER C 164 6.89 10.09 0.15
N GLU C 165 5.67 10.00 0.68
CA GLU C 165 5.48 9.49 2.02
C GLU C 165 5.84 8.01 2.16
N THR C 166 5.87 7.25 1.06
CA THR C 166 6.01 5.80 1.16
C THR C 166 7.11 5.17 0.30
N LYS C 167 7.90 5.95 -0.42
CA LYS C 167 8.91 5.38 -1.31
C LYS C 167 10.17 4.89 -0.58
N GLU C 168 10.35 5.19 0.72
CA GLU C 168 11.49 4.66 1.45
C GLU C 168 11.17 3.47 2.35
N ILE C 169 9.90 3.05 2.42
CA ILE C 169 9.57 1.84 3.14
C ILE C 169 10.10 0.64 2.36
N THR C 170 10.61 -0.35 3.09
CA THR C 170 11.05 -1.62 2.51
C THR C 170 10.04 -2.73 2.76
N ASN C 171 9.75 -3.04 4.02
CA ASN C 171 8.84 -4.15 4.32
C ASN C 171 7.46 -3.86 3.75
N PRO C 172 6.95 -4.64 2.80
CA PRO C 172 5.61 -4.32 2.28
C PRO C 172 4.58 -4.28 3.38
N TYR C 173 4.74 -5.10 4.44
CA TYR C 173 3.81 -5.08 5.57
C TYR C 173 3.80 -3.72 6.25
N ALA C 174 4.99 -3.11 6.41
CA ALA C 174 5.02 -1.74 6.89
C ALA C 174 4.25 -0.82 5.95
N MET C 175 4.21 -1.14 4.66
CA MET C 175 3.43 -0.32 3.73
C MET C 175 1.94 -0.47 4.00
N ARG C 176 1.46 -1.71 4.14
CA ARG C 176 0.01 -1.93 4.29
C ARG C 176 -0.53 -1.21 5.51
N LEU C 177 0.21 -1.25 6.63
CA LEU C 177 -0.17 -0.57 7.87
C LEU C 177 -0.26 0.94 7.68
N TYR C 178 0.75 1.51 7.01
CA TYR C 178 0.73 2.95 6.79
C TYR C 178 -0.50 3.37 5.99
N GLU C 179 -0.79 2.67 4.89
CA GLU C 179 -2.02 2.95 4.17
C GLU C 179 -3.23 2.90 5.09
N SER C 180 -3.32 1.88 5.94
CA SER C 180 -4.45 1.78 6.85
C SER C 180 -4.52 2.99 7.76
N LEU C 181 -3.43 3.32 8.45
CA LEU C 181 -3.42 4.52 9.29
C LEU C 181 -3.91 5.73 8.52
N CYS C 182 -3.56 5.84 7.25
CA CYS C 182 -3.96 6.99 6.48
C CYS C 182 -5.48 7.09 6.28
N GLN C 183 -6.19 5.95 6.35
CA GLN C 183 -7.63 5.93 6.17
C GLN C 183 -8.34 6.74 7.24
N TYR C 184 -7.70 6.89 8.39
CA TYR C 184 -8.21 7.56 9.57
C TYR C 184 -7.51 8.89 9.85
N ARG C 185 -6.61 9.32 8.97
CA ARG C 185 -5.92 10.58 9.20
C ARG C 185 -6.91 11.73 9.11
N LYS C 186 -6.97 12.56 10.16
CA LYS C 186 -7.67 13.83 10.10
C LYS C 186 -6.90 14.79 9.22
N PRO C 187 -7.47 15.96 8.90
CA PRO C 187 -6.70 16.97 8.15
C PRO C 187 -5.37 17.41 8.77
N ASP C 188 -5.26 17.56 10.09
CA ASP C 188 -3.97 17.97 10.65
C ASP C 188 -2.95 16.83 10.74
N GLY C 189 -3.21 15.69 10.13
CA GLY C 189 -2.20 14.65 10.08
C GLY C 189 -2.01 13.95 11.40
N SER C 190 -3.12 13.57 12.03
CA SER C 190 -3.12 12.96 13.35
C SER C 190 -4.33 12.05 13.44
N GLY C 191 -4.25 11.04 14.30
CA GLY C 191 -5.34 10.09 14.34
C GLY C 191 -5.19 9.09 15.46
N ILE C 192 -6.27 8.34 15.65
CA ILE C 192 -6.28 7.24 16.60
C ILE C 192 -7.18 6.18 16.02
N VAL C 193 -6.72 4.94 16.05
CA VAL C 193 -7.54 3.82 15.59
C VAL C 193 -7.09 2.54 16.29
N SER C 194 -8.07 1.70 16.65
CA SER C 194 -7.82 0.36 17.18
C SER C 194 -8.07 -0.69 16.10
N LEU C 195 -7.07 -1.52 15.83
CA LEU C 195 -7.18 -2.64 14.90
C LEU C 195 -7.10 -3.97 15.64
N LYS C 196 -7.96 -4.91 15.27
CA LYS C 196 -8.00 -6.23 15.89
C LYS C 196 -7.00 -7.15 15.20
N ILE C 197 -6.34 -8.02 15.97
CA ILE C 197 -5.17 -8.72 15.43
C ILE C 197 -5.60 -9.78 14.43
N ASP C 198 -6.71 -10.47 14.69
N ASP C 198 -6.71 -10.47 14.70
CA ASP C 198 -7.14 -11.48 13.73
CA ASP C 198 -7.17 -11.48 13.77
C ASP C 198 -7.51 -10.87 12.38
C ASP C 198 -7.52 -10.88 12.41
N TRP C 199 -7.80 -9.56 12.34
CA TRP C 199 -8.07 -8.86 11.08
C TRP C 199 -6.80 -8.51 10.31
N ILE C 200 -5.72 -8.21 11.03
CA ILE C 200 -4.43 -7.92 10.42
C ILE C 200 -3.86 -9.18 9.78
N ILE C 201 -3.86 -10.29 10.52
CA ILE C 201 -3.46 -11.57 9.96
C ILE C 201 -4.23 -11.88 8.70
N GLU C 202 -5.50 -11.47 8.60
CA GLU C 202 -6.31 -11.87 7.46
C GLU C 202 -6.11 -10.95 6.25
N ARG C 203 -6.29 -9.64 6.42
CA ARG C 203 -6.20 -8.73 5.27
C ARG C 203 -4.75 -8.54 4.79
N TYR C 204 -3.82 -8.48 5.74
CA TYR C 204 -2.44 -8.34 5.35
C TYR C 204 -1.77 -9.68 5.05
N GLN C 205 -2.48 -10.79 5.21
CA GLN C 205 -2.03 -12.17 4.88
C GLN C 205 -0.61 -12.46 5.37
N LEU C 206 -0.45 -12.42 6.72
CA LEU C 206 0.79 -12.62 7.44
C LEU C 206 1.19 -14.10 7.49
N PRO C 207 2.48 -14.39 7.47
CA PRO C 207 2.91 -15.79 7.48
C PRO C 207 2.31 -16.52 8.67
N GLN C 208 2.13 -17.84 8.51
CA GLN C 208 1.58 -18.68 9.56
C GLN C 208 2.08 -18.30 10.93
N SER C 209 3.40 -18.32 11.10
CA SER C 209 4.01 -18.41 12.42
C SER C 209 3.73 -17.17 13.28
N TYR C 210 3.16 -16.12 12.69
CA TYR C 210 2.89 -14.91 13.43
C TYR C 210 1.58 -15.00 14.19
N GLN C 211 0.90 -16.15 14.11
CA GLN C 211 -0.22 -16.40 15.01
CA GLN C 211 -0.22 -16.44 15.01
C GLN C 211 0.24 -16.67 16.44
N ARG C 212 1.53 -16.93 16.66
CA ARG C 212 2.19 -17.01 17.97
C ARG C 212 2.70 -15.61 18.38
N MET C 213 2.01 -14.95 19.33
CA MET C 213 2.24 -13.52 19.59
C MET C 213 3.69 -13.09 19.78
N PRO C 214 4.53 -13.79 20.55
CA PRO C 214 5.94 -13.39 20.63
C PRO C 214 6.57 -13.10 19.29
N ASP C 215 6.22 -13.86 18.25
CA ASP C 215 6.79 -13.65 16.91
C ASP C 215 6.13 -12.47 16.18
N PHE C 216 4.79 -12.43 16.14
CA PHE C 216 4.02 -11.25 15.75
C PHE C 216 4.57 -9.97 16.38
N ARG C 217 4.87 -10.01 17.67
CA ARG C 217 5.52 -8.86 18.28
C ARG C 217 6.83 -8.54 17.57
N ARG C 218 7.75 -9.51 17.51
CA ARG C 218 9.16 -9.28 17.16
C ARG C 218 9.37 -9.03 15.66
N ARG C 219 8.79 -9.86 14.81
CA ARG C 219 9.09 -9.80 13.38
C ARG C 219 8.10 -8.97 12.55
N PHE C 220 6.95 -8.56 13.11
CA PHE C 220 6.01 -7.70 12.40
C PHE C 220 5.79 -6.37 13.11
N LEU C 221 5.25 -6.38 14.32
CA LEU C 221 4.82 -5.11 14.92
C LEU C 221 6.02 -4.20 15.22
N GLN C 222 7.00 -4.65 16.00
CA GLN C 222 8.11 -3.75 16.29
C GLN C 222 8.86 -3.31 15.01
N VAL C 223 8.87 -4.15 13.98
CA VAL C 223 9.58 -3.82 12.73
C VAL C 223 8.85 -2.71 11.99
N CYS C 224 7.58 -2.96 11.65
CA CYS C 224 6.78 -2.02 10.86
C CYS C 224 6.53 -0.71 11.59
N VAL C 225 6.64 -0.69 12.91
CA VAL C 225 6.47 0.57 13.60
C VAL C 225 7.75 1.39 13.50
N ASN C 226 8.88 0.74 13.81
N ASN C 226 8.91 0.79 13.82
CA ASN C 226 10.18 1.39 13.72
CA ASN C 226 10.16 1.54 13.70
C ASN C 226 10.42 1.97 12.32
C ASN C 226 10.36 2.05 12.28
N GLU C 227 9.97 1.26 11.29
CA GLU C 227 10.32 1.64 9.93
C GLU C 227 9.46 2.82 9.46
N ILE C 228 8.21 2.91 9.91
CA ILE C 228 7.41 4.13 9.70
C ILE C 228 8.06 5.32 10.38
N ASN C 229 8.47 5.16 11.64
CA ASN C 229 9.06 6.27 12.38
C ASN C 229 10.27 6.86 11.71
N SER C 230 10.97 6.07 10.87
CA SER C 230 12.27 6.36 10.26
C SER C 230 12.16 6.92 8.86
N ARG C 231 11.22 6.44 8.08
CA ARG C 231 11.25 6.61 6.64
CA ARG C 231 11.25 6.60 6.64
C ARG C 231 9.99 7.26 6.10
N THR C 232 9.15 7.80 6.97
CA THR C 232 7.92 8.50 6.61
C THR C 232 7.84 9.74 7.50
N PRO C 233 7.02 10.74 7.11
CA PRO C 233 6.87 11.92 7.98
C PRO C 233 5.92 11.71 9.14
N MET C 234 5.41 10.51 9.35
CA MET C 234 4.52 10.20 10.47
C MET C 234 5.31 9.71 11.69
N ARG C 235 4.79 10.01 12.88
CA ARG C 235 5.37 9.54 14.12
C ARG C 235 4.29 8.82 14.91
N LEU C 236 4.58 7.58 15.35
CA LEU C 236 3.60 6.58 15.75
C LEU C 236 3.96 5.97 17.10
N SER C 237 2.95 5.74 17.97
CA SER C 237 3.13 4.91 19.17
C SER C 237 1.96 3.93 19.27
N TYR C 238 2.05 2.93 20.16
CA TYR C 238 0.95 1.98 20.28
C TYR C 238 0.85 1.38 21.68
N ILE C 239 -0.32 0.77 21.97
CA ILE C 239 -0.59 0.03 23.21
C ILE C 239 -1.48 -1.18 22.93
N GLU C 240 -1.26 -2.27 23.69
CA GLU C 240 -1.90 -3.58 23.48
C GLU C 240 -3.15 -3.76 24.36
N LYS C 241 -4.30 -4.06 23.73
CA LYS C 241 -5.57 -4.37 24.42
C LYS C 241 -5.63 -5.88 24.70
N LYS C 242 -5.63 -6.27 25.97
CA LYS C 242 -5.60 -7.66 26.39
C LYS C 242 -6.93 -8.07 27.00
N LYS C 243 -7.31 -9.33 26.80
CA LYS C 243 -8.56 -9.89 27.31
C LYS C 243 -8.29 -11.29 27.83
N GLY C 244 -8.35 -11.44 29.15
CA GLY C 244 -7.89 -12.68 29.74
C GLY C 244 -6.38 -12.73 29.61
N ARG C 245 -5.88 -13.89 29.25
CA ARG C 245 -4.45 -13.98 28.98
C ARG C 245 -4.09 -13.56 27.57
N GLN C 246 -5.06 -13.35 26.67
CA GLN C 246 -4.79 -13.11 25.25
C GLN C 246 -4.69 -11.63 24.92
N THR C 247 -3.76 -11.28 24.05
CA THR C 247 -3.73 -9.92 23.49
C THR C 247 -4.56 -9.91 22.20
N THR C 248 -5.45 -8.91 22.06
CA THR C 248 -6.49 -9.00 21.03
C THR C 248 -6.56 -7.82 20.05
N HIS C 249 -6.10 -6.63 20.45
CA HIS C 249 -6.20 -5.42 19.63
C HIS C 249 -4.93 -4.58 19.80
N ILE C 250 -4.57 -3.82 18.76
CA ILE C 250 -3.51 -2.80 18.87
C ILE C 250 -4.15 -1.42 18.66
N VAL C 251 -3.88 -0.52 19.60
CA VAL C 251 -4.47 0.81 19.60
C VAL C 251 -3.35 1.76 19.21
N PHE C 252 -3.38 2.11 17.92
CA PHE C 252 -2.42 2.96 17.27
C PHE C 252 -2.88 4.40 17.34
N SER C 253 -1.97 5.29 17.73
CA SER C 253 -2.22 6.70 17.56
C SER C 253 -0.92 7.38 17.17
N PHE C 254 -1.04 8.53 16.48
CA PHE C 254 0.05 9.16 15.75
C PHE C 254 -0.19 10.66 15.56
N ARG C 255 0.90 11.41 15.33
CA ARG C 255 0.91 12.83 14.93
C ARG C 255 1.88 12.98 13.75
N ASP C 256 1.82 14.15 13.08
CA ASP C 256 2.67 14.44 11.92
C ASP C 256 3.89 15.23 12.34
N ILE C 257 5.02 14.93 11.70
CA ILE C 257 6.29 15.53 12.09
C ILE C 257 6.25 17.05 11.97
N THR C 258 5.43 17.59 11.08
CA THR C 258 5.35 19.03 10.95
C THR C 258 4.53 19.71 12.05
N SER C 259 4.40 19.05 13.23
CA SER C 259 3.63 19.59 14.38
C SER C 259 4.47 20.55 15.23
N UNK D 1 -3.76 22.02 5.79
CA UNK D 1 -3.77 20.58 6.02
C UNK D 1 -2.56 19.85 5.42
N UNK D 2 -2.01 18.87 6.15
CA UNK D 2 -0.74 18.23 5.75
C UNK D 2 -0.66 17.71 4.27
N UNK D 3 -1.71 17.01 3.78
CA UNK D 3 -1.67 16.13 2.61
C UNK D 3 -0.68 16.48 1.52
N UNK E 1 -5.73 18.23 0.33
CA UNK E 1 -5.03 19.52 0.33
C UNK E 1 -3.52 19.44 0.01
N UNK E 2 -2.82 20.55 0.28
CA UNK E 2 -1.40 20.71 -0.08
C UNK E 2 -0.49 20.27 1.06
N UNK E 3 0.70 20.86 1.17
CA UNK E 3 1.68 20.39 2.13
C UNK E 3 2.83 21.33 2.49
N UNK E 4 3.70 20.82 3.35
CA UNK E 4 4.85 21.55 3.86
C UNK E 4 5.29 21.02 5.22
MG MG F . 7.86 -9.52 -0.51
MG MG G . 15.77 -4.73 -6.41
#